data_3WWM
#
_entry.id   3WWM
#
_cell.length_a   80.490
_cell.length_b   80.490
_cell.length_c   152.281
_cell.angle_alpha   90.00
_cell.angle_beta   90.00
_cell.angle_gamma   90.00
#
_symmetry.space_group_name_H-M   'P 41 21 2'
#
loop_
_entity.id
_entity.type
_entity.pdbx_description
1 polymer 'Putative acetylglutamate kinase-like protein'
2 non-polymer "ADENOSINE-5'-DIPHOSPHATE"
3 water water
#
_entity_poly.entity_id   1
_entity_poly.type   'polypeptide(L)'
_entity_poly.pdbx_seq_one_letter_code
;MIVVKVGGAEGINYEAVAKDAASLWKEGVKLLLVHGGSAETNKVAEALGHPPRFLTHPGGQVSRLTDRKTLEIFEMVYCG
LVNKRLVELLQKEGANAIGLSGLDGRLFVGRRKTAVKYVENGKVKVHRGDYTGTVEEVNKALLDLLLQAGYLPVLTPPAL
SYENEAINTDGDQIAALLATLYGAEALVYLSNVPGLLARYPDEASLVREIPVERIEDPEYLALAQGRMKRKVMGAVEAVR
GGVKRVVFADARVENPIRRALSGEGTVVR
;
_entity_poly.pdbx_strand_id   A
#
# COMPACT_ATOMS: atom_id res chain seq x y z
N MET A 1 11.24 -11.52 -8.33
CA MET A 1 10.77 -10.35 -7.54
C MET A 1 9.40 -10.62 -6.92
N ILE A 2 9.33 -10.44 -5.61
CA ILE A 2 8.08 -10.43 -4.87
C ILE A 2 7.91 -9.02 -4.33
N VAL A 3 6.69 -8.49 -4.41
CA VAL A 3 6.38 -7.19 -3.83
C VAL A 3 5.32 -7.42 -2.75
N VAL A 4 5.62 -7.01 -1.53
CA VAL A 4 4.70 -7.20 -0.42
C VAL A 4 4.27 -5.84 0.09
N LYS A 5 2.98 -5.53 -0.07
CA LYS A 5 2.37 -4.34 0.53
C LYS A 5 1.81 -4.69 1.90
N VAL A 6 2.36 -4.07 2.96
CA VAL A 6 1.83 -4.22 4.30
C VAL A 6 0.84 -3.09 4.55
N GLY A 7 -0.37 -3.43 4.97
CA GLY A 7 -1.40 -2.43 5.24
C GLY A 7 -1.09 -1.68 6.52
N GLY A 8 -1.84 -0.61 6.77
CA GLY A 8 -1.65 0.26 7.93
C GLY A 8 -2.82 0.32 8.89
N ALA A 9 -3.71 -0.68 8.83
CA ALA A 9 -4.85 -0.77 9.74
C ALA A 9 -4.43 -1.28 11.11
N GLU A 10 -5.40 -1.42 12.02
CA GLU A 10 -5.12 -1.87 13.38
C GLU A 10 -4.64 -3.31 13.35
N GLY A 11 -3.83 -3.67 14.34
CA GLY A 11 -3.42 -5.07 14.53
C GLY A 11 -2.57 -5.72 13.46
N ILE A 12 -1.80 -4.91 12.74
CA ILE A 12 -0.79 -5.44 11.80
C ILE A 12 0.34 -6.00 12.64
N ASN A 13 0.65 -7.27 12.46
CA ASN A 13 1.76 -7.89 13.18
C ASN A 13 3.10 -7.61 12.48
N TYR A 14 3.73 -6.49 12.83
CA TYR A 14 4.97 -6.08 12.19
C TYR A 14 6.12 -7.06 12.44
N GLU A 15 6.22 -7.57 13.65
CA GLU A 15 7.30 -8.54 13.98
C GLU A 15 7.11 -9.85 13.21
N ALA A 16 5.87 -10.25 12.97
CA ALA A 16 5.59 -11.46 12.19
C ALA A 16 5.93 -11.27 10.72
N VAL A 17 5.59 -10.10 10.17
CA VAL A 17 5.90 -9.77 8.79
C VAL A 17 7.42 -9.68 8.58
N ALA A 18 8.08 -9.00 9.51
CA ALA A 18 9.55 -8.85 9.48
C ALA A 18 10.27 -10.18 9.49
N LYS A 19 9.84 -11.06 10.38
CA LYS A 19 10.44 -12.39 10.54
C LYS A 19 10.35 -13.18 9.23
N ASP A 20 9.21 -13.05 8.56
CA ASP A 20 8.95 -13.78 7.33
C ASP A 20 9.78 -13.21 6.19
N ALA A 21 9.68 -11.89 6.00
CA ALA A 21 10.42 -11.19 4.96
C ALA A 21 11.91 -11.44 5.05
N ALA A 22 12.44 -11.38 6.28
CA ALA A 22 13.86 -11.59 6.53
C ALA A 22 14.31 -13.00 6.16
N SER A 23 13.50 -13.99 6.50
CA SER A 23 13.84 -15.38 6.19
C SER A 23 13.69 -15.67 4.70
N LEU A 24 12.75 -15.00 4.03
CA LEU A 24 12.64 -15.09 2.57
C LEU A 24 13.88 -14.48 1.91
N TRP A 25 14.26 -13.29 2.36
CA TRP A 25 15.43 -12.60 1.85
C TRP A 25 16.68 -13.49 2.03
N LYS A 26 16.85 -14.03 3.22
CA LYS A 26 17.99 -14.90 3.51
C LYS A 26 18.01 -16.16 2.63
N GLU A 27 16.84 -16.64 2.23
CA GLU A 27 16.74 -17.74 1.26
C GLU A 27 17.06 -17.31 -0.17
N GLY A 28 17.38 -16.04 -0.39
CA GLY A 28 17.76 -15.54 -1.71
C GLY A 28 16.65 -14.88 -2.50
N VAL A 29 15.42 -14.88 -1.95
CA VAL A 29 14.24 -14.28 -2.61
C VAL A 29 14.39 -12.76 -2.73
N LYS A 30 14.07 -12.23 -3.91
CA LYS A 30 14.05 -10.79 -4.13
C LYS A 30 12.76 -10.21 -3.56
N LEU A 31 12.88 -9.28 -2.62
CA LEU A 31 11.73 -8.62 -2.02
C LEU A 31 11.80 -7.12 -2.19
N LEU A 32 10.62 -6.53 -2.35
CA LEU A 32 10.42 -5.11 -2.14
C LEU A 32 9.25 -5.01 -1.18
N LEU A 33 9.46 -4.33 -0.06
CA LEU A 33 8.40 -4.14 0.91
C LEU A 33 7.88 -2.72 0.82
N VAL A 34 6.56 -2.58 0.74
CA VAL A 34 5.92 -1.27 0.86
C VAL A 34 4.99 -1.35 2.04
N HIS A 35 4.94 -0.28 2.85
CA HIS A 35 4.08 -0.24 4.03
C HIS A 35 3.28 1.05 4.09
N GLY A 36 2.49 1.20 5.15
CA GLY A 36 1.73 2.44 5.39
C GLY A 36 1.74 2.84 6.85
N GLY A 37 0.56 3.19 7.36
CA GLY A 37 0.38 3.56 8.77
C GLY A 37 -0.67 4.64 8.97
N SER A 38 -1.86 4.43 8.41
CA SER A 38 -2.94 5.42 8.48
C SER A 38 -3.58 5.41 9.86
N ALA A 39 -3.74 4.22 10.43
CA ALA A 39 -4.31 4.08 11.77
C ALA A 39 -3.44 4.78 12.82
N GLU A 40 -2.15 4.49 12.82
CA GLU A 40 -1.23 5.09 13.79
C GLU A 40 -1.07 6.59 13.57
N THR A 41 -1.12 7.01 12.31
CA THR A 41 -1.12 8.43 11.98
C THR A 41 -2.34 9.13 12.61
N ASN A 42 -3.52 8.55 12.46
CA ASN A 42 -4.75 9.11 13.08
C ASN A 42 -4.59 9.25 14.59
N LYS A 43 -4.18 8.16 15.24
CA LYS A 43 -3.97 8.15 16.67
C LYS A 43 -3.02 9.28 17.10
N VAL A 44 -1.91 9.43 16.39
CA VAL A 44 -0.94 10.49 16.68
C VAL A 44 -1.55 11.87 16.40
N ALA A 45 -2.29 11.98 15.29
CA ALA A 45 -2.95 13.23 14.94
C ALA A 45 -4.04 13.63 15.97
N GLU A 46 -4.78 12.63 16.48
CA GLU A 46 -5.74 12.85 17.58
C GLU A 46 -5.01 13.47 18.77
N ALA A 47 -3.90 12.84 19.15
CA ALA A 47 -3.13 13.22 20.33
C ALA A 47 -2.45 14.58 20.19
N LEU A 48 -2.05 14.94 18.97
CA LEU A 48 -1.46 16.26 18.72
C LEU A 48 -2.50 17.37 18.55
N GLY A 49 -3.78 17.02 18.61
CA GLY A 49 -4.84 18.02 18.50
C GLY A 49 -5.08 18.48 17.07
N HIS A 50 -4.77 17.64 16.10
CA HIS A 50 -5.05 17.93 14.70
C HIS A 50 -5.82 16.75 14.11
N PRO A 51 -7.09 16.57 14.53
CA PRO A 51 -7.82 15.36 14.17
C PRO A 51 -7.98 15.20 12.66
N PRO A 52 -8.05 13.95 12.18
CA PRO A 52 -8.29 13.71 10.76
C PRO A 52 -9.54 14.41 10.26
N ARG A 53 -9.45 14.99 9.06
CA ARG A 53 -10.60 15.57 8.40
C ARG A 53 -10.74 14.94 7.02
N PHE A 54 -11.99 14.73 6.59
CA PHE A 54 -12.26 14.05 5.34
C PHE A 54 -13.05 14.92 4.40
N LEU A 55 -12.68 14.88 3.12
CA LEU A 55 -13.42 15.57 2.07
C LEU A 55 -14.44 14.60 1.47
N THR A 56 -15.72 14.99 1.46
CA THR A 56 -16.75 14.22 0.78
C THR A 56 -16.96 14.82 -0.60
N HIS A 57 -16.66 14.03 -1.63
CA HIS A 57 -16.68 14.50 -3.00
C HIS A 57 -18.12 14.60 -3.50
N PRO A 58 -18.34 15.31 -4.62
CA PRO A 58 -19.69 15.39 -5.19
C PRO A 58 -20.33 14.03 -5.45
N GLY A 59 -19.53 12.98 -5.61
CA GLY A 59 -20.02 11.60 -5.63
C GLY A 59 -20.86 11.30 -4.41
N GLY A 60 -20.26 11.02 -3.25
CA GLY A 60 -18.83 10.69 -3.09
C GLY A 60 -18.74 9.66 -1.98
N GLN A 61 -17.68 8.85 -1.90
CA GLN A 61 -16.31 9.14 -2.28
C GLN A 61 -15.81 10.12 -1.23
N VAL A 62 -15.08 9.59 -0.26
CA VAL A 62 -14.44 10.40 0.74
C VAL A 62 -12.96 10.11 0.69
N SER A 63 -12.17 11.13 0.96
CA SER A 63 -10.73 11.00 0.92
C SER A 63 -10.15 11.91 2.00
N ARG A 64 -9.05 11.50 2.59
CA ARG A 64 -8.46 12.28 3.66
C ARG A 64 -7.99 13.63 3.14
N LEU A 65 -8.27 14.68 3.89
CA LEU A 65 -7.72 16.00 3.63
C LEU A 65 -6.29 16.00 4.14
N THR A 66 -5.33 16.03 3.22
CA THR A 66 -3.93 16.07 3.61
C THR A 66 -3.41 17.50 3.50
N ASP A 67 -3.80 18.33 4.46
CA ASP A 67 -3.20 19.65 4.61
C ASP A 67 -1.75 19.47 5.07
N ARG A 68 -0.99 20.55 5.01
CA ARG A 68 0.44 20.48 5.33
C ARG A 68 0.70 19.90 6.73
N LYS A 69 -0.04 20.35 7.74
CA LYS A 69 0.17 19.81 9.08
C LYS A 69 -0.13 18.31 9.15
N THR A 70 -1.16 17.88 8.43
CA THR A 70 -1.52 16.46 8.36
C THR A 70 -0.41 15.68 7.62
N LEU A 71 0.09 16.26 6.53
CA LEU A 71 1.20 15.67 5.80
C LEU A 71 2.43 15.49 6.70
N GLU A 72 2.73 16.48 7.52
CA GLU A 72 3.85 16.40 8.45
C GLU A 72 3.72 15.27 9.46
N ILE A 73 2.50 15.07 9.98
CA ILE A 73 2.23 13.98 10.91
C ILE A 73 2.29 12.65 10.17
N PHE A 74 1.75 12.64 8.96
CA PHE A 74 1.93 11.54 8.01
C PHE A 74 3.43 11.16 7.86
N GLU A 75 4.27 12.17 7.70
CA GLU A 75 5.71 11.94 7.60
C GLU A 75 6.29 11.42 8.90
N MET A 76 5.91 12.01 10.03
CA MET A 76 6.37 11.51 11.31
C MET A 76 6.11 10.02 11.48
N VAL A 77 4.90 9.56 11.12
CA VAL A 77 4.48 8.21 11.42
C VAL A 77 4.90 7.20 10.35
N TYR A 78 4.61 7.50 9.08
CA TYR A 78 4.94 6.58 7.99
C TYR A 78 6.44 6.49 7.82
N CYS A 79 7.06 7.66 7.70
CA CYS A 79 8.49 7.74 7.40
C CYS A 79 9.37 7.60 8.64
N GLY A 80 8.83 7.95 9.80
CA GLY A 80 9.59 7.89 11.04
C GLY A 80 9.33 6.65 11.86
N LEU A 81 8.15 6.57 12.46
CA LEU A 81 7.81 5.47 13.36
C LEU A 81 7.77 4.09 12.67
N VAL A 82 6.93 3.97 11.63
CA VAL A 82 6.70 2.67 11.01
C VAL A 82 7.90 2.22 10.17
N ASN A 83 8.38 3.09 9.30
CA ASN A 83 9.50 2.74 8.42
C ASN A 83 10.70 2.25 9.23
N LYS A 84 11.05 2.97 10.29
CA LYS A 84 12.21 2.60 11.12
C LYS A 84 11.93 1.43 12.07
N ARG A 85 10.70 1.29 12.53
CA ARG A 85 10.31 0.08 13.27
C ARG A 85 10.58 -1.14 12.40
N LEU A 86 10.09 -1.07 11.17
CA LEU A 86 10.21 -2.18 10.24
C LEU A 86 11.67 -2.47 9.90
N VAL A 87 12.46 -1.42 9.65
CA VAL A 87 13.88 -1.59 9.35
C VAL A 87 14.61 -2.20 10.54
N GLU A 88 14.34 -1.71 11.75
CA GLU A 88 14.97 -2.26 12.94
C GLU A 88 14.63 -3.73 13.08
N LEU A 89 13.33 -4.06 12.96
CA LEU A 89 12.88 -5.44 13.10
C LEU A 89 13.59 -6.35 12.09
N LEU A 90 13.69 -5.88 10.85
CA LEU A 90 14.39 -6.64 9.81
C LEU A 90 15.87 -6.85 10.14
N GLN A 91 16.53 -5.83 10.67
CA GLN A 91 17.95 -5.95 11.04
C GLN A 91 18.14 -6.95 12.20
N LYS A 92 17.21 -6.98 13.14
CA LYS A 92 17.25 -7.97 14.21
C LYS A 92 17.13 -9.40 13.69
N GLU A 93 16.44 -9.57 12.56
CA GLU A 93 16.23 -10.86 11.94
C GLU A 93 17.32 -11.24 10.94
N GLY A 94 18.30 -10.36 10.75
CA GLY A 94 19.43 -10.66 9.87
C GLY A 94 19.28 -10.18 8.44
N ALA A 95 18.25 -9.40 8.16
CA ALA A 95 18.07 -8.82 6.83
C ALA A 95 18.56 -7.37 6.83
N ASN A 96 19.38 -7.02 5.85
CA ASN A 96 19.89 -5.67 5.73
C ASN A 96 18.88 -4.78 5.00
N ALA A 97 17.89 -4.31 5.75
CA ALA A 97 16.83 -3.49 5.19
C ALA A 97 17.28 -2.05 5.04
N ILE A 98 16.71 -1.37 4.06
CA ILE A 98 16.96 0.04 3.84
C ILE A 98 15.61 0.71 3.63
N GLY A 99 15.31 1.67 4.49
CA GLY A 99 14.03 2.37 4.48
C GLY A 99 14.13 3.65 3.67
N LEU A 100 13.15 3.85 2.78
CA LEU A 100 13.12 5.01 1.91
C LEU A 100 11.69 5.49 1.71
N SER A 101 11.50 6.80 1.59
CA SER A 101 10.22 7.36 1.20
C SER A 101 10.26 7.73 -0.27
N GLY A 102 9.12 8.09 -0.84
CA GLY A 102 9.06 8.52 -2.24
C GLY A 102 9.84 9.77 -2.54
N LEU A 103 10.13 10.55 -1.50
CA LEU A 103 10.90 11.78 -1.65
C LEU A 103 12.37 11.49 -1.87
N ASP A 104 12.84 10.38 -1.33
CA ASP A 104 14.26 10.08 -1.28
C ASP A 104 14.78 9.59 -2.63
N GLY A 105 15.69 10.35 -3.23
CA GLY A 105 16.20 10.02 -4.54
C GLY A 105 15.16 10.19 -5.63
N ARG A 106 14.10 10.96 -5.34
CA ARG A 106 12.94 11.09 -6.23
C ARG A 106 12.37 9.70 -6.59
N LEU A 107 12.32 8.83 -5.59
CA LEU A 107 11.90 7.45 -5.80
C LEU A 107 10.49 7.32 -6.39
N PHE A 108 9.53 8.05 -5.85
CA PHE A 108 8.16 8.06 -6.35
C PHE A 108 7.77 9.48 -6.73
N VAL A 109 7.39 9.67 -7.99
CA VAL A 109 6.97 10.97 -8.51
C VAL A 109 5.62 10.85 -9.19
N GLY A 110 4.77 11.85 -9.00
CA GLY A 110 3.49 11.91 -9.68
C GLY A 110 2.85 13.29 -9.67
N ARG A 111 1.57 13.33 -10.03
CA ARG A 111 0.83 14.58 -10.24
C ARG A 111 0.02 14.86 -8.99
N ARG A 112 0.13 16.09 -8.48
CA ARG A 112 -0.70 16.53 -7.37
C ARG A 112 -2.06 17.02 -7.87
N LYS A 113 -3.11 16.62 -7.17
CA LYS A 113 -4.43 17.21 -7.34
C LYS A 113 -4.42 18.56 -6.63
N THR A 114 -4.32 19.64 -7.41
CA THR A 114 -4.19 20.99 -6.84
C THR A 114 -5.54 21.68 -6.61
N ALA A 115 -6.65 21.06 -7.02
CA ALA A 115 -7.99 21.61 -6.80
C ALA A 115 -9.03 20.50 -6.71
N VAL A 116 -9.39 20.12 -5.49
CA VAL A 116 -10.32 19.00 -5.27
C VAL A 116 -11.71 19.48 -4.81
N LYS A 117 -12.75 19.09 -5.55
CA LYS A 117 -14.12 19.46 -5.19
C LYS A 117 -14.60 18.64 -4.01
N TYR A 118 -15.31 19.29 -3.10
CA TYR A 118 -15.93 18.62 -1.96
C TYR A 118 -17.24 19.30 -1.59
N VAL A 119 -18.04 18.62 -0.76
CA VAL A 119 -19.36 19.12 -0.36
C VAL A 119 -19.40 19.32 1.15
N GLU A 120 -19.64 20.55 1.58
CA GLU A 120 -19.69 20.89 2.99
C GLU A 120 -20.91 21.75 3.28
N ASN A 121 -21.78 21.27 4.18
CA ASN A 121 -23.08 21.88 4.43
C ASN A 121 -23.96 21.89 3.18
N GLY A 122 -23.80 20.87 2.33
CA GLY A 122 -24.56 20.75 1.09
C GLY A 122 -24.21 21.77 0.01
N LYS A 123 -23.04 22.38 0.13
CA LYS A 123 -22.53 23.34 -0.85
C LYS A 123 -21.21 22.79 -1.36
N VAL A 124 -20.95 22.90 -2.66
CA VAL A 124 -19.70 22.35 -3.22
C VAL A 124 -18.61 23.43 -3.29
N LYS A 125 -17.46 23.09 -2.74
CA LYS A 125 -16.34 24.02 -2.63
C LYS A 125 -15.14 23.43 -3.33
N VAL A 126 -14.04 24.17 -3.35
CA VAL A 126 -12.83 23.73 -4.01
C VAL A 126 -11.69 23.87 -3.03
N HIS A 127 -11.03 22.77 -2.69
CA HIS A 127 -9.88 22.82 -1.79
C HIS A 127 -8.59 22.88 -2.60
N ARG A 128 -7.78 23.91 -2.32
CA ARG A 128 -6.54 24.15 -3.07
C ARG A 128 -5.26 23.84 -2.28
N GLY A 129 -5.40 23.58 -0.98
CA GLY A 129 -4.29 23.15 -0.13
C GLY A 129 -4.35 21.70 0.33
N ASP A 130 -4.70 20.79 -0.58
CA ASP A 130 -4.69 19.36 -0.30
C ASP A 130 -3.49 18.69 -0.99
N TYR A 131 -2.60 18.11 -0.19
CA TYR A 131 -1.37 17.52 -0.70
C TYR A 131 -1.52 16.02 -0.86
N THR A 132 -2.17 15.67 -1.96
CA THR A 132 -2.48 14.30 -2.34
C THR A 132 -2.30 14.21 -3.84
N GLY A 133 -1.91 13.05 -4.32
CA GLY A 133 -1.71 12.87 -5.76
C GLY A 133 -1.45 11.43 -6.14
N THR A 134 -1.05 11.24 -7.39
CA THR A 134 -0.77 9.91 -7.92
C THR A 134 0.73 9.66 -7.96
N VAL A 135 1.10 8.42 -8.26
CA VAL A 135 2.49 8.09 -8.55
C VAL A 135 2.52 7.59 -9.98
N GLU A 136 3.29 8.27 -10.82
CA GLU A 136 3.39 7.91 -12.23
C GLU A 136 4.77 7.45 -12.65
N GLU A 137 5.78 7.71 -11.82
CA GLU A 137 7.16 7.37 -12.15
C GLU A 137 7.88 6.87 -10.93
N VAL A 138 8.76 5.89 -11.15
CA VAL A 138 9.55 5.31 -10.08
C VAL A 138 11.01 5.44 -10.47
N ASN A 139 11.87 5.68 -9.49
CA ASN A 139 13.30 5.70 -9.76
C ASN A 139 13.80 4.27 -9.66
N LYS A 140 13.53 3.50 -10.71
CA LYS A 140 13.87 2.09 -10.72
C LYS A 140 15.39 1.89 -10.70
N ALA A 141 16.14 2.83 -11.26
CA ALA A 141 17.60 2.76 -11.24
C ALA A 141 18.11 2.63 -9.81
N LEU A 142 17.56 3.47 -8.93
CA LEU A 142 17.95 3.47 -7.52
C LEU A 142 17.59 2.15 -6.85
N LEU A 143 16.36 1.70 -7.05
CA LEU A 143 15.93 0.42 -6.49
C LEU A 143 16.80 -0.73 -7.02
N ASP A 144 17.05 -0.75 -8.32
CA ASP A 144 17.93 -1.74 -8.92
C ASP A 144 19.30 -1.70 -8.29
N LEU A 145 19.81 -0.50 -8.09
CA LEU A 145 21.14 -0.30 -7.54
C LEU A 145 21.24 -0.87 -6.14
N LEU A 146 20.25 -0.56 -5.30
CA LEU A 146 20.23 -1.06 -3.93
C LEU A 146 20.00 -2.57 -3.88
N LEU A 147 19.16 -3.08 -4.77
CA LEU A 147 18.90 -4.53 -4.86
C LEU A 147 20.16 -5.29 -5.28
N GLN A 148 20.87 -4.77 -6.28
CA GLN A 148 22.13 -5.38 -6.74
C GLN A 148 23.19 -5.42 -5.64
N ALA A 149 23.22 -4.40 -4.81
CA ALA A 149 24.15 -4.34 -3.70
C ALA A 149 23.71 -5.21 -2.53
N GLY A 150 22.51 -5.76 -2.60
CA GLY A 150 22.02 -6.74 -1.63
C GLY A 150 21.12 -6.23 -0.51
N TYR A 151 20.77 -4.94 -0.53
CA TYR A 151 19.89 -4.38 0.50
C TYR A 151 18.44 -4.78 0.23
N LEU A 152 17.62 -4.78 1.28
CA LEU A 152 16.19 -5.10 1.17
C LEU A 152 15.38 -3.81 1.34
N PRO A 153 14.89 -3.22 0.24
CA PRO A 153 14.22 -1.92 0.32
C PRO A 153 12.86 -1.99 1.01
N VAL A 154 12.65 -1.06 1.94
CA VAL A 154 11.40 -0.93 2.67
C VAL A 154 10.86 0.46 2.36
N LEU A 155 9.84 0.53 1.52
CA LEU A 155 9.42 1.78 0.90
C LEU A 155 8.06 2.27 1.41
N THR A 156 7.87 3.59 1.34
CA THR A 156 6.68 4.21 1.87
C THR A 156 6.43 5.53 1.16
N PRO A 157 5.15 5.96 1.08
CA PRO A 157 4.86 7.34 0.72
C PRO A 157 5.32 8.23 1.86
N PRO A 158 5.27 9.57 1.68
CA PRO A 158 4.70 10.32 0.56
C PRO A 158 5.52 10.24 -0.73
N ALA A 159 4.92 10.73 -1.81
CA ALA A 159 5.59 10.83 -3.09
C ALA A 159 5.97 12.29 -3.32
N LEU A 160 6.73 12.52 -4.38
CA LEU A 160 7.14 13.85 -4.78
C LEU A 160 6.32 14.27 -6.00
N SER A 161 5.66 15.43 -5.93
CA SER A 161 4.89 15.93 -7.07
C SER A 161 5.86 16.48 -8.11
N TYR A 162 5.39 16.67 -9.34
CA TYR A 162 6.23 17.23 -10.40
C TYR A 162 6.73 18.64 -10.09
N GLU A 163 6.03 19.35 -9.19
CA GLU A 163 6.48 20.63 -8.65
C GLU A 163 7.27 20.47 -7.33
N ASN A 164 7.83 19.29 -7.11
CA ASN A 164 8.65 18.99 -5.93
C ASN A 164 7.99 19.19 -4.56
N GLU A 165 6.69 18.97 -4.48
CA GLU A 165 5.98 19.01 -3.21
C GLU A 165 5.70 17.59 -2.71
N ALA A 166 5.96 17.35 -1.44
CA ALA A 166 5.59 16.10 -0.82
C ALA A 166 4.06 15.97 -0.87
N ILE A 167 3.59 14.81 -1.28
CA ILE A 167 2.17 14.55 -1.40
C ILE A 167 1.84 13.15 -0.91
N ASN A 168 0.72 13.05 -0.20
CA ASN A 168 0.15 11.75 0.12
C ASN A 168 -0.28 11.03 -1.16
N THR A 169 -0.27 9.71 -1.13
CA THR A 169 -0.64 8.92 -2.29
C THR A 169 -1.01 7.50 -1.89
N ASP A 170 -1.63 6.78 -2.81
CA ASP A 170 -2.15 5.45 -2.54
C ASP A 170 -1.02 4.41 -2.52
N GLY A 171 -0.71 3.89 -1.33
CA GLY A 171 0.31 2.87 -1.18
C GLY A 171 0.06 1.60 -1.96
N ASP A 172 -1.20 1.22 -2.13
CA ASP A 172 -1.55 0.02 -2.89
C ASP A 172 -1.18 0.19 -4.36
N GLN A 173 -1.30 1.41 -4.88
CA GLN A 173 -0.98 1.67 -6.28
C GLN A 173 0.53 1.68 -6.51
N ILE A 174 1.29 2.17 -5.53
CA ILE A 174 2.75 2.11 -5.58
C ILE A 174 3.19 0.67 -5.72
N ALA A 175 2.63 -0.20 -4.87
CA ALA A 175 3.02 -1.59 -4.85
C ALA A 175 2.67 -2.26 -6.17
N ALA A 176 1.49 -1.92 -6.69
CA ALA A 176 1.05 -2.45 -7.98
C ALA A 176 1.97 -1.96 -9.10
N LEU A 177 2.38 -0.70 -9.03
CA LEU A 177 3.26 -0.12 -10.04
C LEU A 177 4.63 -0.80 -10.01
N LEU A 178 5.17 -0.98 -8.81
CA LEU A 178 6.44 -1.66 -8.67
C LEU A 178 6.37 -3.09 -9.21
N ALA A 179 5.29 -3.80 -8.89
CA ALA A 179 5.13 -5.17 -9.32
C ALA A 179 5.09 -5.30 -10.85
N THR A 180 4.45 -4.36 -11.54
CA THR A 180 4.39 -4.41 -13.00
C THR A 180 5.73 -4.00 -13.63
N LEU A 181 6.38 -2.98 -13.07
CA LEU A 181 7.71 -2.56 -13.54
C LEU A 181 8.75 -3.66 -13.44
N TYR A 182 8.67 -4.48 -12.39
CA TYR A 182 9.62 -5.56 -12.18
C TYR A 182 9.17 -6.92 -12.74
N GLY A 183 7.96 -6.99 -13.31
CA GLY A 183 7.40 -8.26 -13.76
C GLY A 183 7.32 -9.26 -12.62
N ALA A 184 6.87 -8.79 -11.46
CA ALA A 184 6.90 -9.59 -10.23
C ALA A 184 6.21 -10.95 -10.37
N GLU A 185 6.77 -11.95 -9.71
CA GLU A 185 6.19 -13.28 -9.69
C GLU A 185 4.88 -13.25 -8.88
N ALA A 186 4.85 -12.41 -7.85
CA ALA A 186 3.67 -12.22 -7.02
C ALA A 186 3.65 -10.84 -6.41
N LEU A 187 2.44 -10.31 -6.24
CA LEU A 187 2.22 -9.07 -5.50
C LEU A 187 1.29 -9.41 -4.35
N VAL A 188 1.79 -9.26 -3.13
CA VAL A 188 1.04 -9.65 -1.94
C VAL A 188 0.53 -8.43 -1.19
N TYR A 189 -0.77 -8.39 -0.92
CA TYR A 189 -1.38 -7.34 -0.09
C TYR A 189 -1.77 -7.93 1.27
N LEU A 190 -1.13 -7.45 2.34
CA LEU A 190 -1.40 -7.93 3.69
C LEU A 190 -2.25 -6.92 4.47
N SER A 191 -3.25 -7.43 5.15
CA SER A 191 -4.17 -6.59 5.91
C SER A 191 -4.75 -7.38 7.08
N ASN A 192 -5.57 -6.71 7.90
CA ASN A 192 -6.12 -7.32 9.12
C ASN A 192 -7.36 -8.18 8.88
N VAL A 193 -7.47 -8.78 7.70
CA VAL A 193 -8.55 -9.72 7.36
C VAL A 193 -7.92 -10.87 6.60
N PRO A 194 -8.63 -11.99 6.43
CA PRO A 194 -7.98 -13.11 5.74
C PRO A 194 -7.81 -12.90 4.22
N GLY A 195 -8.63 -12.04 3.63
CA GLY A 195 -8.55 -11.74 2.20
C GLY A 195 -9.75 -10.93 1.71
N LEU A 196 -10.06 -11.08 0.43
CA LEU A 196 -11.29 -10.50 -0.13
C LEU A 196 -12.44 -11.43 0.22
N LEU A 197 -13.53 -10.85 0.72
CA LEU A 197 -14.62 -11.62 1.29
C LEU A 197 -15.96 -11.01 0.87
N ALA A 198 -16.95 -11.88 0.65
CA ALA A 198 -18.24 -11.47 0.08
C ALA A 198 -19.16 -10.81 1.10
N ARG A 199 -19.35 -11.48 2.23
CA ARG A 199 -20.04 -10.93 3.40
C ARG A 199 -19.02 -10.55 4.48
N TYR A 200 -18.60 -9.30 4.48
CA TYR A 200 -17.74 -8.77 5.54
C TYR A 200 -18.62 -8.54 6.77
N PRO A 201 -18.13 -8.89 7.98
CA PRO A 201 -16.79 -9.35 8.35
C PRO A 201 -16.61 -10.86 8.39
N ASP A 202 -17.62 -11.62 7.97
CA ASP A 202 -17.57 -13.07 8.09
C ASP A 202 -16.40 -13.66 7.30
N GLU A 203 -15.46 -14.25 8.04
CA GLU A 203 -14.20 -14.73 7.45
C GLU A 203 -14.33 -16.05 6.68
N ALA A 204 -15.50 -16.66 6.70
CA ALA A 204 -15.81 -17.83 5.86
C ALA A 204 -16.34 -17.40 4.47
N SER A 205 -16.52 -16.09 4.28
CA SER A 205 -16.87 -15.55 2.96
C SER A 205 -15.66 -15.38 2.05
N LEU A 206 -14.48 -15.72 2.58
CA LEU A 206 -13.22 -15.62 1.84
C LEU A 206 -13.34 -16.19 0.43
N VAL A 207 -13.05 -15.34 -0.56
CA VAL A 207 -12.99 -15.76 -1.94
C VAL A 207 -11.57 -16.25 -2.23
N ARG A 208 -11.44 -17.48 -2.70
CA ARG A 208 -10.13 -18.07 -2.92
C ARG A 208 -9.48 -17.61 -4.21
N GLU A 209 -10.25 -17.49 -5.29
CA GLU A 209 -9.68 -17.25 -6.61
C GLU A 209 -10.52 -16.32 -7.46
N ILE A 210 -9.86 -15.37 -8.12
CA ILE A 210 -10.52 -14.48 -9.09
C ILE A 210 -9.76 -14.55 -10.41
N PRO A 211 -10.27 -15.35 -11.37
CA PRO A 211 -9.64 -15.38 -12.69
C PRO A 211 -9.94 -14.09 -13.46
N VAL A 212 -8.90 -13.42 -13.94
CA VAL A 212 -9.05 -12.16 -14.67
C VAL A 212 -9.82 -12.35 -15.98
N GLU A 213 -9.77 -13.56 -16.51
CA GLU A 213 -10.62 -13.98 -17.63
C GLU A 213 -12.09 -13.69 -17.32
N ARG A 214 -12.49 -13.98 -16.09
CA ARG A 214 -13.89 -13.88 -15.67
C ARG A 214 -14.21 -12.65 -14.81
N ILE A 215 -13.43 -11.58 -14.93
CA ILE A 215 -13.63 -10.40 -14.06
C ILE A 215 -14.96 -9.70 -14.31
N GLU A 216 -15.43 -9.72 -15.57
CA GLU A 216 -16.68 -9.09 -15.93
C GLU A 216 -17.91 -10.02 -15.76
N ASP A 217 -17.69 -11.23 -15.26
CA ASP A 217 -18.79 -12.12 -14.88
C ASP A 217 -19.55 -11.52 -13.69
N PRO A 218 -20.85 -11.82 -13.59
CA PRO A 218 -21.67 -11.30 -12.48
C PRO A 218 -21.20 -11.78 -11.11
N GLU A 219 -20.71 -13.02 -11.04
CA GLU A 219 -20.14 -13.56 -9.80
C GLU A 219 -19.15 -12.59 -9.16
N TYR A 220 -18.23 -12.08 -9.97
CA TYR A 220 -17.14 -11.22 -9.49
C TYR A 220 -17.46 -9.72 -9.58
N LEU A 221 -18.64 -9.39 -10.11
CA LEU A 221 -19.16 -8.02 -10.12
C LEU A 221 -19.33 -7.49 -8.69
N ALA A 222 -19.82 -8.35 -7.81
CA ALA A 222 -20.06 -8.00 -6.40
C ALA A 222 -18.86 -7.31 -5.73
N LEU A 223 -17.66 -7.83 -5.98
CA LEU A 223 -16.42 -7.32 -5.38
C LEU A 223 -15.82 -6.18 -6.20
N ALA A 224 -15.79 -6.36 -7.51
CA ALA A 224 -15.26 -5.35 -8.43
C ALA A 224 -16.02 -4.01 -8.41
N GLN A 225 -17.25 -4.03 -7.90
CA GLN A 225 -18.04 -2.80 -7.74
C GLN A 225 -18.22 -2.39 -6.27
N GLY A 226 -18.11 -3.36 -5.35
CA GLY A 226 -18.44 -3.14 -3.94
C GLY A 226 -17.43 -2.29 -3.18
N ARG A 227 -17.25 -2.63 -1.91
CA ARG A 227 -16.40 -1.85 -1.00
C ARG A 227 -14.96 -1.76 -1.51
N MET A 228 -14.36 -2.93 -1.77
CA MET A 228 -12.97 -3.01 -2.25
C MET A 228 -12.93 -3.10 -3.78
N LYS A 229 -13.22 -2.00 -4.47
CA LYS A 229 -13.10 -1.94 -5.93
C LYS A 229 -11.68 -1.59 -6.36
N ARG A 230 -11.16 -0.49 -5.80
CA ARG A 230 -9.84 0.05 -6.18
C ARG A 230 -8.71 -0.98 -6.07
N LYS A 231 -8.71 -1.75 -4.99
CA LYS A 231 -7.74 -2.82 -4.81
C LYS A 231 -7.94 -3.92 -5.85
N VAL A 232 -9.18 -4.38 -6.00
CA VAL A 232 -9.48 -5.51 -6.88
C VAL A 232 -9.12 -5.24 -8.34
N MET A 233 -9.45 -4.05 -8.83
CA MET A 233 -9.15 -3.72 -10.22
C MET A 233 -7.68 -3.35 -10.41
N GLY A 234 -7.04 -2.86 -9.35
CA GLY A 234 -5.61 -2.65 -9.36
C GLY A 234 -4.87 -3.96 -9.54
N ALA A 235 -5.36 -4.98 -8.84
CA ALA A 235 -4.81 -6.32 -8.97
C ALA A 235 -5.03 -6.86 -10.37
N VAL A 236 -6.24 -6.67 -10.90
CA VAL A 236 -6.59 -7.15 -12.24
C VAL A 236 -5.70 -6.51 -13.29
N GLU A 237 -5.50 -5.19 -13.18
CA GLU A 237 -4.60 -4.45 -14.07
C GLU A 237 -3.15 -4.91 -13.94
N ALA A 238 -2.72 -5.21 -12.71
CA ALA A 238 -1.37 -5.72 -12.47
C ALA A 238 -1.13 -7.07 -13.16
N VAL A 239 -2.07 -8.01 -13.02
CA VAL A 239 -1.93 -9.32 -13.65
C VAL A 239 -1.90 -9.18 -15.18
N ARG A 240 -2.80 -8.36 -15.72
CA ARG A 240 -2.81 -8.04 -17.15
C ARG A 240 -1.49 -7.39 -17.56
N GLY A 241 -0.97 -6.53 -16.69
CA GLY A 241 0.30 -5.87 -16.90
C GLY A 241 1.53 -6.77 -16.87
N GLY A 242 1.36 -8.04 -16.48
CA GLY A 242 2.46 -9.02 -16.51
C GLY A 242 2.78 -9.68 -15.18
N VAL A 243 2.20 -9.19 -14.08
CA VAL A 243 2.38 -9.80 -12.76
C VAL A 243 1.66 -11.14 -12.76
N LYS A 244 2.37 -12.21 -12.39
CA LYS A 244 1.80 -13.56 -12.54
C LYS A 244 0.66 -13.87 -11.57
N ARG A 245 0.71 -13.32 -10.37
CA ARG A 245 -0.46 -13.36 -9.48
C ARG A 245 -0.42 -12.29 -8.39
N VAL A 246 -1.61 -11.92 -7.93
CA VAL A 246 -1.77 -10.96 -6.84
C VAL A 246 -2.56 -11.65 -5.74
N VAL A 247 -2.01 -11.67 -4.53
CA VAL A 247 -2.66 -12.34 -3.41
C VAL A 247 -3.04 -11.37 -2.31
N PHE A 248 -4.30 -11.44 -1.88
CA PHE A 248 -4.75 -10.70 -0.72
C PHE A 248 -4.74 -11.66 0.45
N ALA A 249 -4.02 -11.31 1.51
CA ALA A 249 -3.78 -12.22 2.61
C ALA A 249 -3.82 -11.50 3.97
N ASP A 250 -3.60 -12.29 5.03
CA ASP A 250 -3.74 -11.85 6.41
C ASP A 250 -2.40 -11.44 7.01
N ALA A 251 -2.37 -10.23 7.57
CA ALA A 251 -1.16 -9.67 8.17
C ALA A 251 -1.02 -10.02 9.65
N ARG A 252 -2.10 -10.53 10.25
CA ARG A 252 -2.11 -10.83 11.67
C ARG A 252 -1.40 -12.14 11.99
N VAL A 253 -1.64 -13.14 11.16
CA VAL A 253 -1.16 -14.51 11.40
C VAL A 253 0.35 -14.65 11.33
N GLU A 254 0.83 -15.82 11.77
CA GLU A 254 2.25 -16.16 11.68
C GLU A 254 2.55 -16.52 10.23
N ASN A 255 3.77 -16.23 9.79
CA ASN A 255 4.18 -16.46 8.41
C ASN A 255 3.20 -15.89 7.38
N PRO A 256 2.88 -14.60 7.51
CA PRO A 256 1.85 -14.03 6.65
C PRO A 256 2.22 -14.05 5.17
N ILE A 257 3.49 -13.81 4.86
CA ILE A 257 3.94 -13.76 3.48
C ILE A 257 4.01 -15.17 2.89
N ARG A 258 4.64 -16.09 3.61
CA ARG A 258 4.77 -17.48 3.16
C ARG A 258 3.42 -18.11 2.87
N ARG A 259 2.47 -17.97 3.80
CA ARG A 259 1.12 -18.48 3.59
C ARG A 259 0.51 -17.89 2.32
N ALA A 260 0.66 -16.57 2.14
CA ALA A 260 0.14 -15.87 0.97
C ALA A 260 0.72 -16.41 -0.32
N LEU A 261 2.03 -16.65 -0.34
CA LEU A 261 2.70 -17.19 -1.52
C LEU A 261 2.30 -18.64 -1.82
N SER A 262 1.84 -19.37 -0.81
CA SER A 262 1.32 -20.70 -1.01
C SER A 262 -0.17 -20.70 -1.38
N GLY A 263 -0.74 -19.52 -1.57
CA GLY A 263 -2.10 -19.39 -2.08
C GLY A 263 -3.17 -19.17 -1.03
N GLU A 264 -2.77 -19.04 0.23
CA GLU A 264 -3.73 -18.88 1.33
C GLU A 264 -4.29 -17.45 1.38
N GLY A 265 -5.48 -17.27 0.83
CA GLY A 265 -6.13 -15.96 0.75
C GLY A 265 -6.90 -15.85 -0.56
N THR A 266 -7.01 -14.64 -1.08
CA THR A 266 -7.61 -14.42 -2.39
C THR A 266 -6.55 -14.26 -3.48
N VAL A 267 -6.53 -15.17 -4.44
CA VAL A 267 -5.53 -15.16 -5.50
C VAL A 267 -6.13 -14.64 -6.81
N VAL A 268 -5.67 -13.47 -7.24
CA VAL A 268 -6.05 -12.92 -8.54
C VAL A 268 -5.02 -13.33 -9.58
N ARG A 269 -5.51 -13.89 -10.68
CA ARG A 269 -4.67 -14.43 -11.75
C ARG A 269 -5.45 -14.43 -13.05
#